data_3KRJ
#
_entry.id   3KRJ
#
_cell.length_a   82.875
_cell.length_b   82.875
_cell.length_c   144.408
_cell.angle_alpha   90.00
_cell.angle_beta   90.00
_cell.angle_gamma   120.00
#
_symmetry.space_group_name_H-M   'H 3'
#
loop_
_entity.id
_entity.type
_entity.pdbx_description
1 polymer 'Macrophage colony-stimulating factor 1 receptor, Basic fibroblast growth factor receptor 1'
2 non-polymer 'ACETATE ION'
3 non-polymer 4-cyano-N-(2-cyclohex-1-en-1-yl-4-piperidin-4-ylphenyl)-1H-imidazole-2-carboxamide
4 water water
#
_entity_poly.entity_id   1
_entity_poly.type   'polypeptide(L)'
_entity_poly.pdbx_seq_one_letter_code
;GVDYKYKQKPKYQVRWKIIESYEGNSYTFIDPTQLPYNEKWEFPRNNLQFGKTLGAGAFGKVVEATAFGLGKEDAVLKVA
VKMLKSTAHADEKEALMSELKIMSHLGQHENIVNLLGACTHGGPVLVITEYCCYGDLLNFLRRKRPPGLEYSYNPSHNPE
EQLSSRDLLHFSSQVAQGMAFLASKNCIHRDVAARNVLLTNGHVAKIGDFGLARDIMNDSNYIVKGNARLPVKWMAPESI
FDCVYTVQSDVWSYGILLWEIFSLGLNPYPGILVNSKFYKLVKDGYQMAQPAFAPKNIYSIMQACWALEPTHRPTFQQIC
SFLQEQAQEDRRERD
;
_entity_poly.pdbx_strand_id   A
#
loop_
_chem_comp.id
_chem_comp.type
_chem_comp.name
_chem_comp.formula
ACT non-polymer 'ACETATE ION' 'C2 H3 O2 -1'
KRJ non-polymer 4-cyano-N-(2-cyclohex-1-en-1-yl-4-piperidin-4-ylphenyl)-1H-imidazole-2-carboxamide 'C22 H25 N5 O'
#
# COMPACT_ATOMS: atom_id res chain seq x y z
N PRO A 10 1.60 18.24 6.78
CA PRO A 10 1.45 18.51 8.20
C PRO A 10 0.30 17.69 8.79
N LYS A 11 -0.66 17.33 7.96
CA LYS A 11 -1.84 16.60 8.42
C LYS A 11 -1.72 15.10 8.16
N TYR A 12 -2.09 14.30 9.16
CA TYR A 12 -2.15 12.86 9.02
C TYR A 12 -3.61 12.42 8.90
N GLN A 13 -4.08 11.79 7.81
CA GLN A 13 -3.39 11.39 6.57
C GLN A 13 -3.64 9.89 6.33
N VAL A 14 -4.92 9.52 6.32
CA VAL A 14 -5.29 8.15 6.00
C VAL A 14 -5.52 8.02 4.49
N ARG A 15 -4.75 7.15 3.84
CA ARG A 15 -4.79 7.05 2.39
C ARG A 15 -5.95 6.18 1.91
N TRP A 16 -6.19 5.06 2.59
CA TRP A 16 -7.24 4.14 2.17
C TRP A 16 -8.62 4.79 2.29
N LYS A 17 -9.49 4.49 1.34
CA LYS A 17 -10.79 5.15 1.22
C LYS A 17 -11.83 4.25 0.57
N ILE A 18 -12.97 4.07 1.22
CA ILE A 18 -14.10 3.38 0.62
C ILE A 18 -14.91 4.36 -0.23
N ILE A 19 -15.14 4.01 -1.49
CA ILE A 19 -15.85 4.90 -2.41
C ILE A 19 -17.21 4.34 -2.81
N GLU A 20 -18.02 5.16 -3.47
CA GLU A 20 -19.36 4.76 -3.89
C GLU A 20 -19.32 4.00 -5.22
N SER A 21 -20.28 3.11 -5.43
CA SER A 21 -20.18 2.09 -6.47
C SER A 21 -21.41 2.04 -7.37
N TYR A 22 -21.30 2.61 -8.57
CA TYR A 22 -22.41 2.62 -9.51
C TYR A 22 -22.50 1.29 -10.28
N GLU A 23 -21.39 0.88 -10.89
CA GLU A 23 -21.35 -0.33 -11.68
C GLU A 23 -20.56 -1.41 -10.94
N GLY A 24 -19.68 -2.10 -11.65
CA GLY A 24 -18.84 -3.13 -11.04
C GLY A 24 -19.65 -4.21 -10.35
N ASN A 25 -18.95 -5.23 -9.88
CA ASN A 25 -19.60 -6.34 -9.18
C ASN A 25 -19.74 -6.04 -7.69
N SER A 26 -19.36 -4.84 -7.30
CA SER A 26 -19.27 -4.46 -5.88
C SER A 26 -20.18 -3.29 -5.55
N TYR A 27 -20.89 -3.39 -4.42
CA TYR A 27 -21.81 -2.35 -3.99
C TYR A 27 -21.46 -1.87 -2.58
N THR A 28 -21.46 -0.55 -2.39
CA THR A 28 -21.06 0.04 -1.11
C THR A 28 -22.29 0.39 -0.28
N PHE A 29 -22.58 -0.45 0.70
CA PHE A 29 -23.75 -0.28 1.56
C PHE A 29 -23.49 0.72 2.68
N ILE A 30 -22.26 0.75 3.19
CA ILE A 30 -21.95 1.57 4.36
C ILE A 30 -20.60 2.28 4.27
N ASP A 31 -20.44 3.31 5.11
CA ASP A 31 -19.16 3.96 5.31
C ASP A 31 -18.65 3.55 6.68
N PRO A 32 -17.68 2.61 6.71
CA PRO A 32 -17.19 2.01 7.96
C PRO A 32 -16.63 3.02 8.97
N THR A 33 -15.96 4.06 8.47
CA THR A 33 -15.39 5.05 9.38
C THR A 33 -16.47 5.80 10.15
N GLN A 34 -17.72 5.68 9.70
CA GLN A 34 -18.84 6.34 10.35
C GLN A 34 -19.50 5.46 11.42
N LEU A 35 -19.27 4.15 11.41
CA LEU A 35 -19.73 3.31 12.51
C LEU A 35 -18.60 2.78 13.39
N PRO A 36 -18.33 1.46 13.34
CA PRO A 36 -17.66 0.73 14.43
C PRO A 36 -17.48 1.60 15.69
N TYR A 37 -16.42 1.45 16.50
CA TYR A 37 -15.42 0.38 16.42
C TYR A 37 -16.00 -0.94 16.89
N ASN A 38 -15.71 -2.01 16.15
CA ASN A 38 -16.16 -3.35 16.53
C ASN A 38 -15.29 -3.91 17.65
N GLU A 39 -15.92 -4.26 18.76
CA GLU A 39 -15.20 -4.65 19.97
C GLU A 39 -14.60 -6.06 19.91
N LYS A 40 -14.93 -6.81 18.86
CA LYS A 40 -14.40 -8.16 18.72
C LYS A 40 -12.89 -8.14 18.46
N TRP A 41 -12.37 -6.96 18.12
CA TRP A 41 -10.96 -6.81 17.83
C TRP A 41 -10.12 -6.53 19.07
N GLU A 42 -10.79 -6.23 20.18
CA GLU A 42 -10.10 -5.77 21.38
C GLU A 42 -9.09 -6.79 21.90
N PHE A 43 -7.94 -6.28 22.33
CA PHE A 43 -6.86 -7.11 22.85
C PHE A 43 -6.32 -6.49 24.12
N PRO A 44 -6.07 -7.31 25.16
CA PRO A 44 -5.55 -6.75 26.41
C PRO A 44 -4.24 -6.00 26.18
N ARG A 45 -4.22 -4.75 26.60
CA ARG A 45 -3.07 -3.87 26.40
C ARG A 45 -1.75 -4.49 26.86
N ASN A 46 -1.72 -5.00 28.10
CA ASN A 46 -0.49 -5.51 28.67
C ASN A 46 -0.19 -6.98 28.37
N ASN A 47 -0.90 -7.53 27.38
CA ASN A 47 -0.51 -8.82 26.80
C ASN A 47 0.36 -8.54 25.58
N LEU A 48 0.87 -7.32 25.51
CA LEU A 48 1.79 -6.88 24.48
C LEU A 48 3.11 -6.52 25.15
N GLN A 49 4.22 -7.01 24.62
CA GLN A 49 5.52 -6.48 25.04
C GLN A 49 6.28 -5.93 23.84
N PHE A 50 6.60 -4.64 23.92
CA PHE A 50 7.29 -3.95 22.83
C PHE A 50 8.66 -4.55 22.55
N GLY A 51 9.19 -4.22 21.37
CA GLY A 51 10.53 -4.60 21.00
C GLY A 51 11.17 -3.46 20.23
N LYS A 52 11.93 -3.78 19.19
CA LYS A 52 12.60 -2.75 18.39
C LYS A 52 11.60 -1.89 17.63
N THR A 53 11.91 -0.60 17.51
CA THR A 53 11.17 0.30 16.66
C THR A 53 11.44 -0.03 15.19
N LEU A 54 10.39 -0.34 14.44
CA LEU A 54 10.51 -0.65 13.02
C LEU A 54 10.66 0.61 12.18
N GLY A 55 9.93 1.66 12.55
CA GLY A 55 10.02 2.92 11.85
C GLY A 55 9.27 4.03 12.57
N ALA A 56 9.51 5.28 12.16
CA ALA A 56 8.87 6.42 12.79
C ALA A 56 8.81 7.62 11.85
N GLY A 57 7.90 8.55 12.13
CA GLY A 57 7.72 9.73 11.31
C GLY A 57 7.19 10.89 12.12
N ALA A 58 6.55 11.84 11.45
CA ALA A 58 6.10 13.06 12.10
C ALA A 58 4.84 12.85 12.94
N PHE A 59 4.20 11.69 12.81
CA PHE A 59 2.91 11.46 13.47
C PHE A 59 2.95 10.33 14.49
N GLY A 60 3.82 9.36 14.29
CA GLY A 60 3.87 8.21 15.17
C GLY A 60 4.97 7.23 14.80
N LYS A 61 4.77 5.97 15.15
CA LYS A 61 5.76 4.93 14.91
C LYS A 61 5.12 3.56 14.87
N VAL A 62 5.88 2.59 14.42
CA VAL A 62 5.46 1.19 14.40
C VAL A 62 6.55 0.38 15.10
N VAL A 63 6.15 -0.49 16.01
CA VAL A 63 7.11 -1.24 16.81
C VAL A 63 6.81 -2.73 16.71
N GLU A 64 7.86 -3.53 16.58
CA GLU A 64 7.69 -4.97 16.64
C GLU A 64 7.37 -5.38 18.07
N ALA A 65 6.56 -6.41 18.24
CA ALA A 65 6.19 -6.87 19.56
C ALA A 65 5.77 -8.33 19.55
N THR A 66 5.69 -8.92 20.75
CA THR A 66 5.18 -10.27 20.90
C THR A 66 3.79 -10.20 21.52
N ALA A 67 2.84 -10.87 20.89
CA ALA A 67 1.47 -10.90 21.37
C ALA A 67 1.20 -12.24 22.05
N PHE A 68 0.70 -12.19 23.28
CA PHE A 68 0.48 -13.40 24.05
C PHE A 68 -0.99 -13.84 24.00
N GLY A 69 -1.24 -14.94 23.31
CA GLY A 69 -2.60 -15.44 23.12
C GLY A 69 -3.47 -14.42 22.42
N LEU A 70 -3.37 -14.38 21.09
CA LEU A 70 -3.99 -13.32 20.30
C LEU A 70 -5.31 -13.76 19.66
N GLY A 71 -5.24 -14.77 18.79
CA GLY A 71 -6.40 -15.20 18.03
C GLY A 71 -7.29 -16.15 18.82
N LYS A 72 -8.00 -17.01 18.10
CA LYS A 72 -8.86 -18.02 18.72
C LYS A 72 -8.01 -19.19 19.23
N GLU A 73 -6.79 -19.30 18.73
CA GLU A 73 -5.94 -20.45 19.02
C GLU A 73 -4.93 -20.19 20.14
N ASP A 74 -5.12 -19.11 20.89
CA ASP A 74 -4.33 -18.87 22.09
C ASP A 74 -2.81 -18.88 21.84
N ALA A 75 -2.42 -18.68 20.59
CA ALA A 75 -1.01 -18.79 20.22
C ALA A 75 -0.25 -17.47 20.43
N VAL A 76 1.08 -17.57 20.51
CA VAL A 76 1.94 -16.40 20.61
C VAL A 76 2.63 -16.16 19.27
N LEU A 77 2.78 -14.90 18.88
CA LEU A 77 3.39 -14.57 17.60
C LEU A 77 3.90 -13.13 17.54
N LYS A 78 4.84 -12.87 16.64
CA LYS A 78 5.34 -11.52 16.43
C LYS A 78 4.32 -10.68 15.67
N VAL A 79 4.17 -9.43 16.07
CA VAL A 79 3.23 -8.51 15.45
C VAL A 79 3.86 -7.13 15.32
N ALA A 80 3.25 -6.29 14.50
CA ALA A 80 3.67 -4.90 14.36
C ALA A 80 2.59 -4.01 14.96
N VAL A 81 2.99 -3.10 15.86
CA VAL A 81 2.02 -2.25 16.54
C VAL A 81 2.16 -0.80 16.09
N LYS A 82 1.08 -0.27 15.51
CA LYS A 82 1.02 1.12 15.09
C LYS A 82 0.54 1.98 16.24
N MET A 83 1.07 3.19 16.34
CA MET A 83 0.71 4.12 17.41
C MET A 83 1.16 5.53 17.10
N LEU A 84 0.50 6.50 17.73
CA LEU A 84 0.81 7.91 17.54
C LEU A 84 1.74 8.41 18.64
N LYS A 85 2.42 9.52 18.36
CA LYS A 85 3.21 10.19 19.38
C LYS A 85 2.28 10.60 20.51
N SER A 86 2.78 10.63 21.74
CA SER A 86 1.96 11.02 22.88
C SER A 86 1.53 12.48 22.77
N THR A 87 2.08 13.18 21.79
CA THR A 87 1.78 14.60 21.56
C THR A 87 0.66 14.80 20.53
N ALA A 88 0.16 13.69 19.97
CA ALA A 88 -0.82 13.74 18.89
C ALA A 88 -2.07 14.53 19.26
N HIS A 89 -2.55 15.34 18.31
CA HIS A 89 -3.75 16.14 18.53
C HIS A 89 -5.02 15.33 18.25
N ALA A 90 -6.17 15.96 18.45
CA ALA A 90 -7.46 15.27 18.34
C ALA A 90 -7.70 14.67 16.95
N ASP A 91 -7.57 15.49 15.92
CA ASP A 91 -7.89 15.05 14.56
C ASP A 91 -7.13 13.80 14.14
N GLU A 92 -5.86 13.72 14.54
CA GLU A 92 -4.99 12.63 14.10
C GLU A 92 -5.30 11.31 14.79
N LYS A 93 -5.81 11.38 16.02
CA LYS A 93 -6.29 10.19 16.71
C LYS A 93 -7.56 9.71 16.03
N GLU A 94 -8.31 10.65 15.48
CA GLU A 94 -9.52 10.35 14.71
C GLU A 94 -9.15 9.59 13.45
N ALA A 95 -8.08 10.03 12.79
CA ALA A 95 -7.63 9.40 11.55
C ALA A 95 -7.13 7.98 11.81
N LEU A 96 -6.53 7.77 12.98
CA LEU A 96 -6.04 6.45 13.34
C LEU A 96 -7.21 5.50 13.55
N MET A 97 -8.25 5.99 14.23
CA MET A 97 -9.46 5.21 14.45
C MET A 97 -10.15 4.90 13.14
N SER A 98 -10.06 5.84 12.19
CA SER A 98 -10.66 5.65 10.88
C SER A 98 -9.96 4.55 10.09
N GLU A 99 -8.63 4.48 10.21
CA GLU A 99 -7.88 3.44 9.53
C GLU A 99 -8.22 2.09 10.15
N LEU A 100 -8.36 2.09 11.48
CA LEU A 100 -8.73 0.89 12.23
C LEU A 100 -10.07 0.37 11.73
N LYS A 101 -11.03 1.27 11.56
CA LYS A 101 -12.39 0.89 11.17
C LYS A 101 -12.44 0.34 9.75
N ILE A 102 -11.62 0.89 8.86
CA ILE A 102 -11.60 0.44 7.48
C ILE A 102 -10.97 -0.94 7.37
N MET A 103 -9.85 -1.16 8.05
CA MET A 103 -9.20 -2.47 8.04
C MET A 103 -10.15 -3.54 8.56
N SER A 104 -10.92 -3.18 9.57
CA SER A 104 -11.90 -4.09 10.17
C SER A 104 -13.05 -4.38 9.21
N HIS A 105 -13.37 -3.41 8.36
CA HIS A 105 -14.47 -3.57 7.39
C HIS A 105 -14.06 -4.44 6.20
N LEU A 106 -12.78 -4.36 5.83
CA LEU A 106 -12.30 -5.02 4.62
C LEU A 106 -12.25 -6.54 4.76
N GLY A 107 -11.95 -7.02 5.96
CA GLY A 107 -11.77 -8.44 6.17
C GLY A 107 -10.36 -8.85 5.81
N GLN A 108 -10.07 -10.15 5.94
CA GLN A 108 -8.72 -10.66 5.75
C GLN A 108 -8.47 -11.21 4.34
N HIS A 109 -7.22 -11.07 3.88
CA HIS A 109 -6.78 -11.62 2.59
C HIS A 109 -5.30 -11.94 2.68
N GLU A 110 -4.85 -12.93 1.91
CA GLU A 110 -3.46 -13.40 2.01
C GLU A 110 -2.43 -12.38 1.51
N ASN A 111 -2.82 -11.51 0.60
CA ASN A 111 -1.88 -10.54 0.05
C ASN A 111 -2.12 -9.09 0.49
N ILE A 112 -2.71 -8.90 1.67
CA ILE A 112 -2.67 -7.60 2.34
C ILE A 112 -2.13 -7.77 3.75
N VAL A 113 -1.63 -6.68 4.32
CA VAL A 113 -1.22 -6.68 5.73
C VAL A 113 -2.46 -6.57 6.61
N ASN A 114 -2.83 -7.70 7.22
CA ASN A 114 -4.10 -7.79 7.96
C ASN A 114 -4.09 -7.19 9.36
N LEU A 115 -5.25 -6.68 9.76
CA LEU A 115 -5.51 -6.31 11.13
C LEU A 115 -5.65 -7.58 11.97
N LEU A 116 -5.02 -7.58 13.15
CA LEU A 116 -5.09 -8.73 14.06
C LEU A 116 -5.81 -8.39 15.36
N GLY A 117 -5.85 -7.11 15.71
CA GLY A 117 -6.48 -6.66 16.94
C GLY A 117 -6.18 -5.21 17.26
N ALA A 118 -6.71 -4.73 18.38
CA ALA A 118 -6.52 -3.32 18.76
C ALA A 118 -6.68 -3.12 20.26
N CYS A 119 -5.95 -2.16 20.80
CA CYS A 119 -6.15 -1.73 22.18
C CYS A 119 -6.65 -0.28 22.18
N THR A 120 -7.93 -0.10 22.47
CA THR A 120 -8.54 1.23 22.42
C THR A 120 -8.90 1.76 23.80
N HIS A 121 -8.96 0.89 24.80
CA HIS A 121 -9.35 1.29 26.15
C HIS A 121 -8.17 1.29 27.12
N GLY A 122 -8.22 2.21 28.07
CA GLY A 122 -7.19 2.33 29.09
C GLY A 122 -5.84 2.73 28.51
N GLY A 123 -5.79 3.91 27.89
CA GLY A 123 -4.56 4.40 27.30
C GLY A 123 -4.72 4.69 25.81
N PRO A 124 -3.59 4.93 25.12
CA PRO A 124 -3.57 5.33 23.71
C PRO A 124 -3.98 4.20 22.78
N VAL A 125 -4.58 4.53 21.65
CA VAL A 125 -4.96 3.53 20.68
C VAL A 125 -3.72 2.88 20.06
N LEU A 126 -3.72 1.55 20.02
CA LEU A 126 -2.65 0.80 19.37
C LEU A 126 -3.28 -0.12 18.34
N VAL A 127 -2.75 -0.12 17.12
CA VAL A 127 -3.28 -0.96 16.06
C VAL A 127 -2.33 -2.12 15.79
N ILE A 128 -2.82 -3.34 15.96
CA ILE A 128 -1.97 -4.53 15.84
C ILE A 128 -2.18 -5.18 14.48
N THR A 129 -1.12 -5.23 13.67
CA THR A 129 -1.20 -5.79 12.33
C THR A 129 -0.11 -6.85 12.15
N GLU A 130 -0.17 -7.56 11.02
CA GLU A 130 0.75 -8.66 10.76
C GLU A 130 2.21 -8.21 10.66
N TYR A 131 3.09 -9.00 11.27
CA TYR A 131 4.52 -8.83 11.11
C TYR A 131 4.97 -9.64 9.89
N CYS A 132 5.74 -8.99 9.01
CA CYS A 132 6.21 -9.64 7.80
C CYS A 132 7.73 -9.70 7.83
N CYS A 133 8.25 -10.90 8.06
CA CYS A 133 9.63 -11.10 8.50
C CYS A 133 10.74 -10.57 7.57
N TYR A 134 10.49 -10.53 6.27
CA TYR A 134 11.55 -10.15 5.32
C TYR A 134 11.57 -8.67 4.95
N GLY A 135 10.66 -7.89 5.51
CA GLY A 135 10.68 -6.45 5.33
C GLY A 135 10.01 -6.02 4.03
N ASP A 136 10.24 -4.77 3.62
CA ASP A 136 9.53 -4.22 2.47
C ASP A 136 10.19 -4.59 1.13
N LEU A 137 9.36 -4.60 0.10
CA LEU A 137 9.73 -5.12 -1.22
C LEU A 137 10.82 -4.31 -1.90
N LEU A 138 10.78 -2.99 -1.73
CA LEU A 138 11.73 -2.11 -2.39
C LEU A 138 13.15 -2.42 -1.94
N ASN A 139 13.34 -2.51 -0.62
CA ASN A 139 14.64 -2.84 -0.05
C ASN A 139 15.12 -4.20 -0.54
N PHE A 140 14.24 -5.18 -0.51
CA PHE A 140 14.57 -6.55 -0.91
C PHE A 140 15.02 -6.59 -2.38
N LEU A 141 14.36 -5.81 -3.23
CA LEU A 141 14.72 -5.70 -4.63
C LEU A 141 16.13 -5.15 -4.79
N ARG A 142 16.43 -4.10 -4.03
CA ARG A 142 17.71 -3.40 -4.14
C ARG A 142 18.90 -4.23 -3.71
N ARG A 143 18.66 -5.24 -2.88
CA ARG A 143 19.75 -6.09 -2.38
C ARG A 143 19.97 -7.33 -3.24
N LYS A 144 19.12 -7.54 -4.24
CA LYS A 144 19.20 -8.74 -5.07
C LYS A 144 19.57 -8.40 -6.52
N ARG A 145 20.21 -7.25 -6.70
CA ARG A 145 20.62 -6.81 -8.04
C ARG A 145 21.83 -7.59 -8.54
N PRO A 146 21.90 -7.81 -9.86
CA PRO A 146 23.13 -8.32 -10.47
C PRO A 146 24.16 -7.20 -10.61
N PRO A 147 25.44 -7.56 -10.73
CA PRO A 147 26.57 -6.64 -10.89
C PRO A 147 26.26 -5.49 -11.84
N GLY A 148 26.49 -4.26 -11.38
CA GLY A 148 26.18 -3.07 -12.17
C GLY A 148 24.98 -2.33 -11.62
N GLN A 162 20.06 -15.88 -6.09
CA GLN A 162 19.35 -15.05 -5.12
C GLN A 162 17.95 -14.71 -5.63
N LEU A 163 17.86 -13.81 -6.60
CA LEU A 163 16.58 -13.50 -7.23
C LEU A 163 16.45 -14.24 -8.56
N SER A 164 15.41 -13.90 -9.33
CA SER A 164 15.08 -14.63 -10.53
C SER A 164 13.85 -14.04 -11.23
N SER A 165 13.66 -14.41 -12.49
CA SER A 165 12.53 -13.92 -13.27
C SER A 165 11.21 -14.50 -12.79
N ARG A 166 11.23 -15.73 -12.33
CA ARG A 166 10.01 -16.36 -11.82
C ARG A 166 9.50 -15.57 -10.63
N ASP A 167 10.41 -15.20 -9.74
CA ASP A 167 10.06 -14.56 -8.48
C ASP A 167 9.46 -13.17 -8.69
N LEU A 168 9.99 -12.41 -9.65
CA LEU A 168 9.46 -11.08 -9.95
C LEU A 168 8.01 -11.22 -10.45
N LEU A 169 7.76 -12.30 -11.18
CA LEU A 169 6.42 -12.60 -11.69
C LEU A 169 5.49 -13.00 -10.54
N HIS A 170 6.05 -13.67 -9.53
CA HIS A 170 5.32 -14.02 -8.32
C HIS A 170 4.90 -12.76 -7.56
N PHE A 171 5.83 -11.84 -7.38
CA PHE A 171 5.57 -10.60 -6.65
C PHE A 171 4.46 -9.80 -7.33
N SER A 172 4.58 -9.66 -8.64
CA SER A 172 3.64 -8.89 -9.43
C SER A 172 2.24 -9.47 -9.30
N SER A 173 2.16 -10.79 -9.33
CA SER A 173 0.90 -11.51 -9.24
C SER A 173 0.26 -11.33 -7.88
N GLN A 174 1.06 -11.47 -6.83
CA GLN A 174 0.56 -11.40 -5.46
C GLN A 174 0.07 -9.99 -5.09
N VAL A 175 0.76 -8.96 -5.57
CA VAL A 175 0.30 -7.59 -5.35
C VAL A 175 -0.99 -7.35 -6.11
N ALA A 176 -1.07 -7.82 -7.35
CA ALA A 176 -2.29 -7.70 -8.16
C ALA A 176 -3.47 -8.39 -7.48
N GLN A 177 -3.22 -9.50 -6.80
CA GLN A 177 -4.28 -10.22 -6.10
C GLN A 177 -4.79 -9.40 -4.93
N GLY A 178 -3.88 -8.84 -4.14
CA GLY A 178 -4.23 -7.99 -3.02
C GLY A 178 -5.03 -6.79 -3.48
N MET A 179 -4.65 -6.22 -4.62
CA MET A 179 -5.34 -5.05 -5.16
C MET A 179 -6.70 -5.41 -5.73
N ALA A 180 -6.82 -6.61 -6.30
CA ALA A 180 -8.11 -7.08 -6.79
C ALA A 180 -9.05 -7.25 -5.62
N PHE A 181 -8.50 -7.67 -4.48
CA PHE A 181 -9.31 -7.84 -3.27
C PHE A 181 -9.82 -6.48 -2.79
N LEU A 182 -8.93 -5.50 -2.70
CA LEU A 182 -9.34 -4.15 -2.28
C LEU A 182 -10.39 -3.58 -3.22
N ALA A 183 -10.15 -3.68 -4.53
CA ALA A 183 -11.07 -3.17 -5.51
C ALA A 183 -12.45 -3.84 -5.39
N SER A 184 -12.47 -5.10 -4.99
CA SER A 184 -13.72 -5.83 -4.85
C SER A 184 -14.52 -5.31 -3.64
N LYS A 185 -13.85 -4.58 -2.76
CA LYS A 185 -14.50 -3.94 -1.62
C LYS A 185 -14.75 -2.46 -1.87
N ASN A 186 -14.59 -2.04 -3.12
CA ASN A 186 -14.63 -0.63 -3.46
C ASN A 186 -13.69 0.19 -2.59
N CYS A 187 -12.53 -0.39 -2.28
CA CYS A 187 -11.50 0.31 -1.52
C CYS A 187 -10.37 0.78 -2.44
N ILE A 188 -10.10 2.08 -2.41
CA ILE A 188 -8.97 2.64 -3.12
C ILE A 188 -7.80 2.82 -2.14
N HIS A 189 -6.59 2.61 -2.63
CA HIS A 189 -5.38 2.62 -1.83
C HIS A 189 -4.76 4.01 -1.81
N ARG A 190 -4.51 4.53 -3.02
CA ARG A 190 -4.00 5.90 -3.24
C ARG A 190 -2.52 6.10 -2.92
N ASP A 191 -1.84 5.05 -2.47
CA ASP A 191 -0.38 5.12 -2.35
C ASP A 191 0.26 3.79 -2.73
N VAL A 192 -0.17 3.24 -3.86
CA VAL A 192 0.38 1.99 -4.36
C VAL A 192 1.82 2.19 -4.83
N ALA A 193 2.74 1.43 -4.24
CA ALA A 193 4.17 1.58 -4.47
C ALA A 193 4.93 0.44 -3.82
N ALA A 194 6.18 0.23 -4.25
CA ALA A 194 6.98 -0.88 -3.72
C ALA A 194 7.32 -0.71 -2.24
N ARG A 195 7.38 0.53 -1.78
CA ARG A 195 7.67 0.80 -0.37
C ARG A 195 6.50 0.38 0.51
N ASN A 196 5.33 0.24 -0.11
CA ASN A 196 4.13 -0.20 0.62
C ASN A 196 3.78 -1.65 0.35
N VAL A 197 4.79 -2.44 -0.03
CA VAL A 197 4.64 -3.88 -0.14
C VAL A 197 5.62 -4.55 0.81
N LEU A 198 5.14 -5.52 1.58
CA LEU A 198 5.96 -6.28 2.50
C LEU A 198 6.07 -7.71 2.00
N LEU A 199 7.14 -8.40 2.41
CA LEU A 199 7.29 -9.82 2.13
C LEU A 199 7.32 -10.57 3.47
N THR A 200 6.49 -11.61 3.55
CA THR A 200 6.41 -12.41 4.76
C THR A 200 6.86 -13.83 4.43
N ASN A 201 6.70 -14.75 5.39
CA ASN A 201 7.19 -16.12 5.22
C ASN A 201 6.85 -16.68 3.82
N GLY A 202 7.80 -17.40 3.23
CA GLY A 202 7.62 -17.92 1.89
C GLY A 202 7.83 -16.85 0.84
N HIS A 203 8.26 -15.68 1.28
CA HIS A 203 8.41 -14.52 0.41
C HIS A 203 7.11 -14.20 -0.34
N VAL A 204 6.01 -14.16 0.40
CA VAL A 204 4.72 -13.80 -0.17
C VAL A 204 4.47 -12.30 0.02
N ALA A 205 4.05 -11.63 -1.05
CA ALA A 205 3.87 -10.18 -1.03
C ALA A 205 2.53 -9.80 -0.39
N LYS A 206 2.55 -8.74 0.41
CA LYS A 206 1.34 -8.20 1.03
C LYS A 206 1.35 -6.69 0.90
N ILE A 207 0.30 -6.12 0.33
CA ILE A 207 0.19 -4.68 0.21
C ILE A 207 -0.43 -4.12 1.48
N GLY A 208 0.03 -2.93 1.87
CA GLY A 208 -0.52 -2.23 3.00
C GLY A 208 -0.15 -0.76 2.91
N ASP A 209 -0.28 -0.05 4.03
CA ASP A 209 0.08 1.35 4.08
C ASP A 209 0.88 1.60 5.35
N PHE A 210 2.14 1.95 5.18
CA PHE A 210 3.07 2.05 6.30
C PHE A 210 3.62 3.46 6.42
N GLY A 211 2.80 4.44 6.04
CA GLY A 211 3.15 5.83 6.15
C GLY A 211 3.64 6.21 7.53
N LEU A 212 3.01 5.62 8.55
CA LEU A 212 3.33 5.90 9.94
C LEU A 212 4.80 5.60 10.24
N ALA A 213 5.34 4.56 9.61
CA ALA A 213 6.70 4.12 9.88
C ALA A 213 7.72 4.84 9.03
N ARG A 214 7.27 5.77 8.19
CA ARG A 214 8.15 6.44 7.23
C ARG A 214 8.37 7.91 7.58
N ASP A 215 9.55 8.40 7.19
CA ASP A 215 9.93 9.79 7.37
C ASP A 215 9.44 10.62 6.18
N ILE A 216 8.13 10.84 6.10
CA ILE A 216 7.52 11.51 4.95
C ILE A 216 8.05 12.93 4.72
N MET A 217 8.22 13.68 5.79
CA MET A 217 8.68 15.07 5.70
C MET A 217 9.97 15.20 4.89
N ASN A 218 10.80 14.16 4.90
CA ASN A 218 12.11 14.22 4.26
C ASN A 218 12.24 13.25 3.08
N ASP A 219 11.11 12.70 2.65
CA ASP A 219 11.09 11.83 1.48
C ASP A 219 10.79 12.64 0.23
N SER A 220 11.79 12.76 -0.65
CA SER A 220 11.65 13.53 -1.88
C SER A 220 10.58 12.94 -2.81
N ASN A 221 10.18 11.70 -2.58
CA ASN A 221 9.14 11.06 -3.38
C ASN A 221 7.74 11.60 -3.06
N TYR A 222 7.61 12.24 -1.90
CA TYR A 222 6.36 12.92 -1.54
C TYR A 222 6.50 14.43 -1.73
N ILE A 223 5.65 14.98 -2.59
CA ILE A 223 5.72 16.39 -2.98
C ILE A 223 4.69 17.23 -2.24
N VAL A 224 5.10 18.40 -1.79
CA VAL A 224 4.21 19.30 -1.06
C VAL A 224 3.08 19.83 -1.95
N LYS A 225 1.85 19.70 -1.47
CA LYS A 225 0.70 20.32 -2.13
C LYS A 225 -0.24 20.96 -1.11
N GLY A 226 -1.47 20.45 -1.01
CA GLY A 226 -2.48 21.05 -0.17
C GLY A 226 -2.01 21.32 1.25
N ALA A 228 -0.74 18.89 1.37
CA ALA A 228 -0.49 17.49 1.67
C ALA A 228 0.91 17.08 1.22
N ARG A 229 1.19 15.79 1.28
CA ARG A 229 2.42 15.22 0.74
C ARG A 229 2.02 14.04 -0.14
N LEU A 230 2.23 14.19 -1.44
CA LEU A 230 1.66 13.25 -2.39
C LEU A 230 2.73 12.57 -3.23
N PRO A 231 2.61 11.25 -3.43
CA PRO A 231 3.56 10.48 -4.23
C PRO A 231 3.29 10.73 -5.71
N VAL A 232 3.62 11.92 -6.17
CA VAL A 232 3.20 12.39 -7.49
C VAL A 232 3.67 11.48 -8.64
N LYS A 233 4.85 10.88 -8.49
CA LYS A 233 5.40 10.03 -9.54
C LYS A 233 4.68 8.69 -9.69
N TRP A 234 3.87 8.34 -8.69
CA TRP A 234 3.08 7.12 -8.77
C TRP A 234 1.63 7.41 -9.12
N MET A 235 1.28 8.68 -9.27
CA MET A 235 -0.11 9.09 -9.40
C MET A 235 -0.59 9.23 -10.84
N ALA A 236 -1.83 8.81 -11.06
CA ALA A 236 -2.47 8.92 -12.37
C ALA A 236 -2.64 10.38 -12.76
N PRO A 237 -2.65 10.67 -14.07
CA PRO A 237 -2.87 12.02 -14.57
C PRO A 237 -4.08 12.70 -13.95
N GLU A 238 -5.20 11.97 -13.89
CA GLU A 238 -6.45 12.55 -13.43
C GLU A 238 -6.49 12.77 -11.92
N SER A 239 -5.58 12.10 -11.19
CA SER A 239 -5.44 12.36 -9.76
C SER A 239 -4.64 13.63 -9.54
N ILE A 240 -3.64 13.85 -10.40
CA ILE A 240 -2.77 15.01 -10.29
C ILE A 240 -3.51 16.31 -10.64
N PHE A 241 -4.26 16.29 -11.74
CA PHE A 241 -4.84 17.51 -12.28
C PHE A 241 -6.31 17.74 -11.88
N ASP A 242 -7.08 16.68 -11.70
CA ASP A 242 -8.50 16.81 -11.36
C ASP A 242 -8.78 16.39 -9.93
N CYS A 243 -7.75 15.90 -9.24
CA CYS A 243 -7.91 15.36 -7.89
C CYS A 243 -9.02 14.30 -7.83
N VAL A 244 -9.07 13.44 -8.84
CA VAL A 244 -10.02 12.34 -8.86
C VAL A 244 -9.30 11.03 -8.58
N TYR A 245 -9.92 10.18 -7.78
CA TYR A 245 -9.33 8.92 -7.35
C TYR A 245 -10.32 7.78 -7.49
N THR A 246 -10.01 6.84 -8.38
CA THR A 246 -10.82 5.65 -8.55
C THR A 246 -9.91 4.43 -8.53
N VAL A 247 -10.50 3.25 -8.66
CA VAL A 247 -9.69 2.04 -8.72
C VAL A 247 -8.78 2.09 -9.95
N GLN A 248 -9.27 2.70 -11.02
CA GLN A 248 -8.51 2.82 -12.26
CA GLN A 248 -8.48 2.77 -12.24
C GLN A 248 -7.24 3.65 -12.06
N SER A 249 -7.30 4.59 -11.12
CA SER A 249 -6.13 5.42 -10.82
C SER A 249 -5.13 4.59 -10.02
N ASP A 250 -5.63 3.66 -9.23
CA ASP A 250 -4.78 2.67 -8.56
C ASP A 250 -4.09 1.76 -9.58
N VAL A 251 -4.75 1.49 -10.70
CA VAL A 251 -4.17 0.65 -11.74
C VAL A 251 -2.96 1.33 -12.36
N TRP A 252 -3.08 2.63 -12.62
CA TRP A 252 -1.95 3.41 -13.09
C TRP A 252 -0.76 3.24 -12.14
N SER A 253 -1.01 3.40 -10.85
CA SER A 253 0.05 3.32 -9.85
C SER A 253 0.66 1.92 -9.80
N TYR A 254 -0.16 0.89 -10.02
CA TYR A 254 0.34 -0.48 -10.05
C TYR A 254 1.32 -0.68 -11.19
N GLY A 255 1.10 0.00 -12.31
CA GLY A 255 2.01 -0.05 -13.44
C GLY A 255 3.37 0.53 -13.06
N ILE A 256 3.35 1.63 -12.33
CA ILE A 256 4.58 2.24 -11.83
C ILE A 256 5.29 1.27 -10.87
N LEU A 257 4.50 0.59 -10.06
CA LEU A 257 5.02 -0.42 -9.13
C LEU A 257 5.69 -1.55 -9.91
N LEU A 258 5.05 -1.98 -11.00
CA LEU A 258 5.62 -3.02 -11.86
C LEU A 258 6.98 -2.58 -12.39
N TRP A 259 7.07 -1.33 -12.82
CA TRP A 259 8.31 -0.77 -13.31
C TRP A 259 9.38 -0.84 -12.23
N GLU A 260 8.98 -0.60 -10.98
CA GLU A 260 9.90 -0.69 -9.84
C GLU A 260 10.42 -2.11 -9.68
N ILE A 261 9.52 -3.09 -9.80
CA ILE A 261 9.90 -4.47 -9.58
C ILE A 261 10.90 -4.94 -10.64
N PHE A 262 10.57 -4.69 -11.91
CA PHE A 262 11.37 -5.18 -13.01
C PHE A 262 12.55 -4.27 -13.38
N SER A 263 12.75 -3.21 -12.60
CA SER A 263 13.96 -2.42 -12.68
C SER A 263 14.80 -2.70 -11.44
N LEU A 264 14.33 -3.65 -10.63
CA LEU A 264 14.97 -4.01 -9.37
C LEU A 264 15.13 -2.83 -8.42
N GLY A 265 14.18 -1.91 -8.44
CA GLY A 265 14.06 -0.90 -7.41
C GLY A 265 14.61 0.47 -7.75
N LEU A 266 14.63 0.81 -9.04
CA LEU A 266 14.97 2.16 -9.45
C LEU A 266 13.82 3.11 -9.12
N ASN A 267 14.18 4.33 -8.74
CA ASN A 267 13.20 5.41 -8.60
C ASN A 267 12.55 5.67 -9.96
N PRO A 268 11.21 5.79 -9.99
CA PRO A 268 10.55 6.06 -11.27
C PRO A 268 10.98 7.40 -11.87
N TYR A 269 11.01 7.46 -13.20
CA TYR A 269 11.45 8.66 -13.91
C TYR A 269 12.82 9.08 -13.38
N PRO A 270 13.83 8.22 -13.55
CA PRO A 270 15.16 8.47 -13.00
C PRO A 270 15.75 9.77 -13.52
N GLY A 271 16.21 10.63 -12.62
CA GLY A 271 16.88 11.86 -12.99
C GLY A 271 15.93 13.03 -13.26
N ILE A 272 14.66 12.72 -13.47
CA ILE A 272 13.65 13.76 -13.72
C ILE A 272 13.03 14.21 -12.41
N LEU A 273 13.07 15.52 -12.16
CA LEU A 273 12.47 16.09 -10.96
C LEU A 273 11.03 16.50 -11.22
N VAL A 274 10.18 16.37 -10.21
CA VAL A 274 8.80 16.79 -10.32
C VAL A 274 8.68 18.31 -10.34
N ASN A 275 8.36 18.85 -11.52
CA ASN A 275 8.06 20.26 -11.67
C ASN A 275 7.17 20.44 -12.89
N SER A 276 7.12 21.65 -13.43
CA SER A 276 6.18 21.94 -14.51
C SER A 276 6.44 21.06 -15.73
N LYS A 277 7.71 20.78 -16.02
CA LYS A 277 8.06 19.97 -17.19
C LYS A 277 7.61 18.52 -17.04
N PHE A 278 7.64 18.01 -15.81
CA PHE A 278 7.19 16.65 -15.55
C PHE A 278 5.68 16.52 -15.77
N TYR A 279 4.92 17.44 -15.19
CA TYR A 279 3.47 17.43 -15.34
C TYR A 279 3.07 17.46 -16.82
N LYS A 280 3.78 18.26 -17.61
CA LYS A 280 3.50 18.34 -19.04
C LYS A 280 3.84 17.03 -19.74
N LEU A 281 4.97 16.42 -19.37
CA LEU A 281 5.38 15.14 -19.93
C LEU A 281 4.28 14.07 -19.78
N VAL A 282 3.87 13.80 -18.54
CA VAL A 282 2.91 12.73 -18.30
C VAL A 282 1.57 13.02 -18.99
N LYS A 283 1.18 14.28 -18.99
CA LYS A 283 -0.07 14.69 -19.63
C LYS A 283 0.02 14.52 -21.14
N ASP A 284 1.23 14.66 -21.68
CA ASP A 284 1.44 14.53 -23.13
C ASP A 284 1.45 13.06 -23.56
N GLY A 285 1.64 12.16 -22.60
CA GLY A 285 1.60 10.74 -22.86
C GLY A 285 2.96 10.08 -22.75
N TYR A 286 3.91 10.78 -22.16
CA TYR A 286 5.22 10.22 -21.90
C TYR A 286 5.09 8.97 -21.03
N GLN A 287 5.85 7.93 -21.38
CA GLN A 287 5.88 6.71 -20.61
C GLN A 287 7.32 6.25 -20.44
N MET A 288 7.66 5.80 -19.23
CA MET A 288 9.01 5.29 -18.97
C MET A 288 9.31 4.15 -19.93
N ALA A 289 10.59 3.96 -20.22
CA ALA A 289 11.02 2.92 -21.13
C ALA A 289 10.98 1.55 -20.43
N GLN A 290 11.01 0.49 -21.24
CA GLN A 290 11.01 -0.87 -20.73
C GLN A 290 12.17 -1.11 -19.77
N PRO A 291 11.87 -1.56 -18.55
CA PRO A 291 12.97 -1.90 -17.62
C PRO A 291 13.84 -3.03 -18.16
N ALA A 292 15.12 -3.01 -17.78
CA ALA A 292 16.11 -3.95 -18.29
C ALA A 292 15.70 -5.40 -18.06
N PHE A 293 15.06 -5.68 -16.94
CA PHE A 293 14.75 -7.06 -16.57
C PHE A 293 13.29 -7.44 -16.81
N ALA A 294 12.55 -6.55 -17.46
CA ALA A 294 11.15 -6.80 -17.80
C ALA A 294 11.03 -7.51 -19.14
N PRO A 295 10.38 -8.68 -19.16
CA PRO A 295 9.97 -9.29 -20.42
C PRO A 295 9.05 -8.35 -21.18
N LYS A 296 9.02 -8.45 -22.50
CA LYS A 296 8.22 -7.56 -23.34
C LYS A 296 6.74 -7.57 -22.95
N ASN A 297 6.21 -8.74 -22.62
CA ASN A 297 4.78 -8.87 -22.30
C ASN A 297 4.43 -8.26 -20.95
N ILE A 298 5.39 -8.24 -20.03
CA ILE A 298 5.21 -7.54 -18.77
C ILE A 298 5.20 -6.04 -18.99
N TYR A 299 6.04 -5.57 -19.92
CA TYR A 299 6.07 -4.16 -20.25
C TYR A 299 4.72 -3.75 -20.82
N SER A 300 4.08 -4.67 -21.52
CA SER A 300 2.78 -4.41 -22.12
C SER A 300 1.72 -4.20 -21.05
N ILE A 301 1.90 -4.83 -19.90
CA ILE A 301 1.02 -4.60 -18.76
C ILE A 301 1.18 -3.16 -18.27
N MET A 302 2.42 -2.73 -18.07
CA MET A 302 2.70 -1.35 -17.68
C MET A 302 2.05 -0.35 -18.64
N GLN A 303 2.28 -0.52 -19.93
CA GLN A 303 1.74 0.37 -20.95
C GLN A 303 0.21 0.46 -20.86
N ALA A 304 -0.45 -0.67 -20.66
CA ALA A 304 -1.90 -0.70 -20.52
C ALA A 304 -2.32 0.06 -19.28
N CYS A 305 -1.55 -0.09 -18.20
CA CYS A 305 -1.84 0.57 -16.95
C CYS A 305 -1.73 2.07 -17.09
N TRP A 306 -0.92 2.53 -18.04
CA TRP A 306 -0.66 3.96 -18.21
C TRP A 306 -1.46 4.59 -19.35
N ALA A 307 -2.54 3.94 -19.76
CA ALA A 307 -3.44 4.53 -20.75
C ALA A 307 -3.98 5.83 -20.16
N LEU A 308 -4.00 6.89 -20.96
CA LEU A 308 -4.42 8.20 -20.44
C LEU A 308 -5.90 8.21 -20.10
N GLU A 309 -6.71 7.52 -20.90
CA GLU A 309 -8.13 7.37 -20.59
C GLU A 309 -8.32 6.25 -19.56
N PRO A 310 -8.84 6.59 -18.37
CA PRO A 310 -8.99 5.64 -17.27
C PRO A 310 -9.76 4.36 -17.62
N THR A 311 -10.82 4.45 -18.43
CA THR A 311 -11.62 3.29 -18.75
C THR A 311 -10.95 2.37 -19.76
N HIS A 312 -9.76 2.76 -20.22
CA HIS A 312 -9.00 1.97 -21.18
C HIS A 312 -7.97 1.10 -20.46
N ARG A 313 -7.79 1.34 -19.16
CA ARG A 313 -6.86 0.55 -18.38
C ARG A 313 -7.48 -0.79 -18.02
N PRO A 314 -6.64 -1.78 -17.73
CA PRO A 314 -7.17 -3.06 -17.27
C PRO A 314 -7.72 -2.93 -15.85
N THR A 315 -8.52 -3.91 -15.45
CA THR A 315 -8.92 -4.03 -14.06
C THR A 315 -7.86 -4.90 -13.41
N PHE A 316 -7.84 -4.95 -12.08
CA PHE A 316 -6.85 -5.75 -11.39
C PHE A 316 -7.05 -7.25 -11.64
N GLN A 317 -8.30 -7.67 -11.85
CA GLN A 317 -8.56 -9.09 -12.10
C GLN A 317 -8.08 -9.50 -13.49
N GLN A 318 -8.17 -8.58 -14.44
CA GLN A 318 -7.68 -8.85 -15.80
C GLN A 318 -6.16 -8.92 -15.80
N ILE A 319 -5.52 -8.15 -14.92
CA ILE A 319 -4.07 -8.23 -14.75
C ILE A 319 -3.70 -9.58 -14.16
N CYS A 320 -4.41 -9.96 -13.10
CA CYS A 320 -4.24 -11.26 -12.46
C CYS A 320 -4.30 -12.42 -13.46
N SER A 321 -5.34 -12.47 -14.28
CA SER A 321 -5.50 -13.58 -15.23
C SER A 321 -4.41 -13.57 -16.30
N PHE A 322 -4.02 -12.39 -16.75
CA PHE A 322 -2.94 -12.30 -17.75
C PHE A 322 -1.62 -12.78 -17.14
N LEU A 323 -1.34 -12.40 -15.91
CA LEU A 323 -0.11 -12.81 -15.23
C LEU A 323 -0.10 -14.32 -15.02
N GLN A 324 -1.28 -14.91 -14.85
CA GLN A 324 -1.41 -16.36 -14.72
C GLN A 324 -1.21 -17.04 -16.07
N GLU A 325 -1.84 -16.51 -17.12
CA GLU A 325 -1.70 -17.05 -18.46
C GLU A 325 -0.24 -16.96 -18.90
N GLN A 326 0.48 -15.99 -18.34
CA GLN A 326 1.88 -15.77 -18.67
C GLN A 326 2.80 -16.55 -17.74
N ALA A 327 2.23 -17.53 -17.03
CA ALA A 327 2.99 -18.30 -16.05
C ALA A 327 2.58 -19.77 -16.10
C ACT B . -1.08 -2.48 -24.14
O ACT B . -0.45 -3.43 -23.61
OXT ACT B . -0.40 -1.49 -24.47
CH3 ACT B . -2.57 -2.52 -24.38
N01 KRJ C . 2.78 0.15 9.69
C02 KRJ C . 3.11 -0.95 9.63
C03 KRJ C . 3.55 -2.30 9.56
C04 KRJ C . 2.79 -3.46 9.57
N05 KRJ C . 3.69 -4.50 9.48
C06 KRJ C . 4.91 -3.98 9.42
N07 KRJ C . 4.90 -2.65 9.46
C08 KRJ C . 6.09 -4.89 9.37
O09 KRJ C . 5.94 -6.10 9.57
N10 KRJ C . 7.23 -4.26 9.08
C11 KRJ C . 8.55 -4.80 9.03
C12 KRJ C . 8.75 -6.09 9.56
C13 KRJ C . 10.02 -6.65 9.60
C14 KRJ C . 11.14 -5.96 9.11
C15 KRJ C . 10.95 -4.65 8.57
C16 KRJ C . 9.66 -4.06 8.54
C17 KRJ C . 9.47 -2.71 7.95
C18 KRJ C . 9.02 -1.69 8.71
C19 KRJ C . 8.71 -0.29 8.19
C20 KRJ C . 8.36 -0.29 6.70
C21 KRJ C . 9.39 -1.12 5.92
C22 KRJ C . 9.47 -2.57 6.43
C23 KRJ C . 12.46 -6.74 9.23
C24 KRJ C . 13.32 -6.29 10.45
C25 KRJ C . 14.83 -6.34 10.24
N26 KRJ C . 15.14 -7.53 9.46
C27 KRJ C . 14.80 -7.17 8.08
C28 KRJ C . 13.28 -7.02 7.94
HN05 KRJ C . 3.49 -5.49 9.46
H04 KRJ C . 1.72 -3.60 9.64
HN10 KRJ C . 7.13 -3.26 8.96
H12 KRJ C . 7.94 -6.68 9.96
H13 KRJ C . 10.11 -7.64 10.02
H15 KRJ C . 11.80 -4.10 8.19
H18 KRJ C . 8.98 -1.80 9.78
H19 KRJ C . 7.88 0.13 8.76
H19A KRJ C . 9.57 0.35 8.38
H20 KRJ C . 8.32 0.74 6.32
H20A KRJ C . 7.36 -0.71 6.55
H21 KRJ C . 9.14 -1.12 4.85
H21A KRJ C . 10.36 -0.66 6.01
H22 KRJ C . 8.62 -3.15 6.05
H22A KRJ C . 10.36 -3.04 6.02
H23 KRJ C . 12.06 -7.72 9.50
H24 KRJ C . 12.99 -5.33 10.85
H24A KRJ C . 13.11 -7.01 11.25
H25 KRJ C . 15.19 -5.44 9.73
H25A KRJ C . 15.36 -6.39 11.20
HN26 KRJ C . 16.13 -7.71 9.51
H27 KRJ C . 15.32 -6.24 7.83
H27A KRJ C . 15.18 -7.93 7.40
H28 KRJ C . 12.99 -6.37 7.11
H28A KRJ C . 12.95 -8.01 7.60
#